data_8RCE
#
_entry.id   8RCE
#
_cell.length_a   62.280
_cell.length_b   62.280
_cell.length_c   125.540
_cell.angle_alpha   90.00
_cell.angle_beta   90.00
_cell.angle_gamma   90.00
#
_symmetry.space_group_name_H-M   'P 41 21 2'
#
loop_
_entity.id
_entity.type
_entity.pdbx_description
1 polymer 'Peroxisome proliferator-activated receptor alpha'
2 non-polymer '(2~{S})-2-(4-naphthalen-1-ylphenoxy)-3-phenyl-propanoic acid'
3 water water
#
_entity_poly.entity_id   1
_entity_poly.type   'polypeptide(L)'
_entity_poly.pdbx_seq_one_letter_code
;HHHHHHSSGLVPRGSHTADLKSLAKRIYEAYLKNFNMNKVKARVILSGKASNNPPFVIHDMETLCMAEKTLVAKLVANGI
QNKEAEVRIFHCCQCTSVETVTELTEFAKAIPGFANLDLNDQVTLLKYGVYEAIFAMLSSVMNKDGMLVAYGNGFITREF
LKSLRKPFCDIMEPKFDFAMKFNALELDDSDISLFVAAIICCGDRPGLLNVGHIEKMQEGIVHVLRLHLQSNHPDDIFLF
PKLLQKMADLRQLVTEHAQLVQIIKKTESDAALHPLLQEIYRDMY
;
_entity_poly.pdbx_strand_id   A
#
# COMPACT_ATOMS: atom_id res chain seq x y z
N ASP A 19 19.04 -6.70 -20.16
CA ASP A 19 19.16 -5.26 -20.22
C ASP A 19 17.92 -4.66 -19.57
N LEU A 20 16.74 -5.18 -20.02
CA LEU A 20 15.30 -4.85 -19.61
C LEU A 20 14.96 -5.98 -18.64
N LYS A 21 15.08 -7.20 -19.20
CA LYS A 21 15.31 -8.42 -18.43
C LYS A 21 16.64 -8.19 -17.75
N SER A 22 16.69 -8.50 -16.46
CA SER A 22 17.73 -8.07 -15.52
C SER A 22 17.23 -6.97 -14.60
N LEU A 23 16.80 -5.85 -15.17
CA LEU A 23 16.17 -4.81 -14.38
C LEU A 23 14.91 -5.34 -13.69
N ALA A 24 14.12 -6.16 -14.39
CA ALA A 24 12.96 -6.80 -13.78
C ALA A 24 13.39 -7.76 -12.68
N LYS A 25 14.51 -8.47 -12.91
CA LYS A 25 15.05 -9.40 -11.93
C LYS A 25 15.54 -8.61 -10.71
N ARG A 26 16.30 -7.53 -10.97
CA ARG A 26 16.86 -6.71 -9.91
C ARG A 26 15.79 -6.04 -9.05
N ILE A 27 14.67 -5.67 -9.68
CA ILE A 27 13.59 -5.01 -8.97
C ILE A 27 12.78 -6.02 -8.17
N TYR A 28 12.51 -7.17 -8.78
CA TYR A 28 11.77 -8.23 -8.12
C TYR A 28 12.52 -8.70 -6.88
N GLU A 29 13.84 -8.86 -7.00
CA GLU A 29 14.62 -9.35 -5.87
C GLU A 29 14.66 -8.31 -4.76
N ALA A 30 14.70 -7.02 -5.14
CA ALA A 30 14.70 -5.93 -4.18
C ALA A 30 13.39 -5.95 -3.39
N TYR A 31 12.31 -6.29 -4.11
CA TYR A 31 10.99 -6.37 -3.52
C TYR A 31 10.96 -7.53 -2.53
N LEU A 32 11.58 -8.64 -2.89
CA LEU A 32 11.54 -9.84 -2.06
C LEU A 32 12.35 -9.63 -0.79
N LYS A 33 13.46 -8.89 -0.90
CA LYS A 33 14.32 -8.67 0.25
C LYS A 33 13.67 -7.70 1.24
N ASN A 34 12.87 -6.75 0.76
CA ASN A 34 12.54 -5.57 1.53
C ASN A 34 11.10 -5.53 2.07
N PHE A 35 10.21 -6.39 1.56
CA PHE A 35 8.85 -6.41 2.06
C PHE A 35 8.55 -7.68 2.87
N ASN A 36 8.09 -7.45 4.10
CA ASN A 36 7.77 -8.53 5.01
C ASN A 36 6.63 -9.36 4.45
N MET A 37 5.65 -8.69 3.85
CA MET A 37 4.52 -9.40 3.28
C MET A 37 4.63 -9.36 1.77
N ASN A 38 4.41 -10.52 1.14
CA ASN A 38 4.21 -10.60 -0.30
C ASN A 38 3.05 -11.54 -0.60
N LYS A 39 2.72 -11.69 -1.89
CA LYS A 39 1.47 -12.34 -2.27
C LYS A 39 1.59 -13.85 -2.14
N VAL A 40 2.79 -14.40 -2.34
CA VAL A 40 2.95 -15.84 -2.16
C VAL A 40 2.79 -16.15 -0.68
N LYS A 41 3.41 -15.35 0.18
CA LYS A 41 3.34 -15.56 1.62
C LYS A 41 1.96 -15.26 2.23
N ALA A 42 1.19 -14.40 1.57
CA ALA A 42 -0.13 -14.06 2.08
C ALA A 42 -1.12 -15.18 1.75
N ARG A 43 -1.09 -15.63 0.49
CA ARG A 43 -2.04 -16.62 0.01
C ARG A 43 -1.85 -17.94 0.76
N VAL A 44 -0.59 -18.31 1.04
CA VAL A 44 -0.24 -19.45 1.90
C VAL A 44 -0.92 -19.34 3.26
N ILE A 45 -0.76 -18.18 3.91
CA ILE A 45 -1.33 -17.95 5.24
C ILE A 45 -2.85 -18.04 5.14
N LEU A 46 -3.46 -17.40 4.14
CA LEU A 46 -4.91 -17.24 4.12
C LEU A 46 -5.62 -18.61 4.13
N SER A 47 -5.73 -19.23 5.32
CA SER A 47 -6.35 -20.53 5.57
C SER A 47 -6.52 -20.81 7.08
N PRO A 55 -4.63 -17.53 10.78
CA PRO A 55 -4.82 -18.03 12.15
C PRO A 55 -6.04 -17.40 12.86
N PHE A 56 -5.86 -16.25 13.52
CA PHE A 56 -6.79 -15.81 14.55
C PHE A 56 -7.74 -14.75 14.02
N VAL A 57 -9.04 -15.03 14.08
CA VAL A 57 -10.07 -14.17 13.48
C VAL A 57 -10.65 -13.18 14.49
N ILE A 58 -10.62 -11.90 14.10
CA ILE A 58 -11.29 -10.81 14.81
C ILE A 58 -12.60 -10.49 14.11
N HIS A 59 -13.74 -10.80 14.74
CA HIS A 59 -15.01 -10.65 14.04
C HIS A 59 -16.05 -9.86 14.85
N ASP A 60 -15.74 -9.55 16.11
CA ASP A 60 -16.64 -8.79 16.96
C ASP A 60 -15.86 -8.14 18.09
N MET A 61 -16.54 -7.35 18.94
CA MET A 61 -15.86 -6.63 19.99
C MET A 61 -15.22 -7.63 20.95
N GLU A 62 -15.86 -8.79 21.12
CA GLU A 62 -15.39 -9.82 22.01
C GLU A 62 -14.03 -10.35 21.55
N THR A 63 -13.97 -10.82 20.29
CA THR A 63 -12.77 -11.42 19.73
C THR A 63 -11.69 -10.39 19.47
N LEU A 64 -12.11 -9.12 19.37
CA LEU A 64 -11.19 -8.01 19.24
C LEU A 64 -10.38 -7.85 20.52
N CYS A 65 -11.06 -7.92 21.69
CA CYS A 65 -10.39 -7.71 22.97
C CYS A 65 -9.31 -8.75 23.27
N MET A 66 -9.64 -10.01 23.01
CA MET A 66 -8.71 -11.10 23.22
C MET A 66 -7.57 -10.99 22.22
N ALA A 67 -7.84 -10.34 21.07
CA ALA A 67 -6.80 -10.18 20.07
C ALA A 67 -5.81 -9.23 20.70
N GLU A 68 -6.33 -8.27 21.47
CA GLU A 68 -5.51 -7.24 22.10
C GLU A 68 -4.82 -7.80 23.34
N LYS A 69 -5.02 -9.07 23.66
CA LYS A 69 -4.30 -9.68 24.76
C LYS A 69 -3.13 -10.50 24.24
N THR A 70 -2.94 -10.54 22.91
CA THR A 70 -1.87 -11.33 22.31
C THR A 70 -1.15 -10.59 21.18
N LEU A 71 -1.90 -10.13 20.18
CA LEU A 71 -1.31 -9.67 18.94
C LEU A 71 -0.59 -8.33 19.19
N VAL A 72 -1.40 -7.28 19.31
CA VAL A 72 -0.97 -5.89 19.27
C VAL A 72 -0.22 -5.56 20.56
N ALA A 73 1.05 -5.14 20.40
CA ALA A 73 1.91 -4.70 21.48
C ALA A 73 2.36 -3.23 21.27
N LYS A 74 1.37 -2.33 21.31
CA LYS A 74 1.51 -0.87 21.12
C LYS A 74 0.71 -0.15 22.22
N LEU A 75 -0.61 0.02 22.02
CA LEU A 75 -1.52 0.54 23.03
C LEU A 75 -1.21 -0.15 24.38
N VAL A 76 -0.77 -1.42 24.34
CA VAL A 76 -0.18 -2.07 25.51
C VAL A 76 1.26 -1.57 25.68
N ASN A 82 -8.89 2.54 28.67
CA ASN A 82 -8.88 1.52 27.59
C ASN A 82 -8.68 2.23 26.25
N LYS A 83 -9.84 2.65 25.72
CA LYS A 83 -10.09 3.61 24.66
C LYS A 83 -11.16 3.08 23.70
N GLU A 84 -11.73 3.95 22.88
CA GLU A 84 -12.80 3.55 21.97
C GLU A 84 -12.24 2.56 20.94
N ALA A 85 -12.99 1.50 20.66
CA ALA A 85 -12.53 0.39 19.82
C ALA A 85 -12.07 0.84 18.44
N GLU A 86 -12.79 1.81 17.88
CA GLU A 86 -12.46 2.33 16.55
C GLU A 86 -11.05 2.91 16.50
N VAL A 87 -10.65 3.58 17.58
CA VAL A 87 -9.32 4.18 17.63
C VAL A 87 -8.24 3.13 17.83
N ARG A 88 -8.48 2.19 18.76
CA ARG A 88 -7.51 1.15 19.01
C ARG A 88 -7.15 0.50 17.67
N ILE A 89 -8.17 0.23 16.86
CA ILE A 89 -8.03 -0.53 15.61
C ILE A 89 -7.12 0.23 14.64
N PHE A 90 -7.44 1.49 14.40
CA PHE A 90 -6.75 2.28 13.39
C PHE A 90 -5.42 2.85 13.91
N HIS A 91 -5.19 2.84 15.24
CA HIS A 91 -3.84 3.06 15.72
C HIS A 91 -2.96 1.92 15.21
N CYS A 92 -3.46 0.70 15.40
CA CYS A 92 -2.75 -0.50 15.00
C CYS A 92 -2.49 -0.45 13.48
N CYS A 93 -3.43 0.15 12.75
CA CYS A 93 -3.31 0.26 11.29
C CYS A 93 -2.25 1.27 10.87
N GLN A 94 -2.14 2.37 11.62
CA GLN A 94 -1.18 3.39 11.22
C GLN A 94 0.25 2.95 11.54
N CYS A 95 0.38 2.09 12.58
CA CYS A 95 1.65 1.50 12.96
C CYS A 95 2.23 0.74 11.76
N THR A 96 1.34 -0.01 11.10
CA THR A 96 1.76 -0.81 9.97
C THR A 96 2.06 0.06 8.76
N SER A 97 1.30 1.16 8.55
CA SER A 97 1.57 2.12 7.49
C SER A 97 2.99 2.64 7.57
N VAL A 98 3.38 3.03 8.79
CA VAL A 98 4.72 3.55 9.05
C VAL A 98 5.79 2.49 8.78
N GLU A 99 5.52 1.24 9.16
CA GLU A 99 6.43 0.14 8.87
C GLU A 99 6.61 -0.01 7.35
N THR A 100 5.51 0.16 6.60
CA THR A 100 5.57 -0.02 5.16
C THR A 100 6.28 1.15 4.50
N VAL A 101 6.14 2.35 5.05
CA VAL A 101 6.80 3.52 4.49
C VAL A 101 8.30 3.28 4.61
N THR A 102 8.70 2.71 5.75
CA THR A 102 10.09 2.36 5.94
C THR A 102 10.55 1.40 4.85
N GLU A 103 9.76 0.34 4.62
CA GLU A 103 10.12 -0.69 3.66
C GLU A 103 10.17 -0.13 2.24
N LEU A 104 9.24 0.77 1.90
CA LEU A 104 9.16 1.31 0.55
C LEU A 104 10.41 2.14 0.29
N THR A 105 10.95 2.74 1.34
CA THR A 105 12.13 3.58 1.20
C THR A 105 13.33 2.70 0.88
N GLU A 106 13.43 1.55 1.58
CA GLU A 106 14.48 0.56 1.37
C GLU A 106 14.41 0.06 -0.07
N PHE A 107 13.20 -0.30 -0.48
CA PHE A 107 12.94 -0.82 -1.82
C PHE A 107 13.36 0.21 -2.87
N ALA A 108 12.96 1.46 -2.69
CA ALA A 108 13.21 2.47 -3.70
C ALA A 108 14.70 2.67 -3.89
N LYS A 109 15.50 2.61 -2.80
CA LYS A 109 16.94 2.81 -2.86
C LYS A 109 17.56 1.79 -3.80
N ALA A 110 16.91 0.63 -3.89
CA ALA A 110 17.40 -0.46 -4.71
C ALA A 110 16.94 -0.33 -6.15
N ILE A 111 16.06 0.62 -6.46
CA ILE A 111 15.69 0.85 -7.85
C ILE A 111 16.89 1.51 -8.51
N PRO A 112 17.45 0.86 -9.55
CA PRO A 112 18.51 1.46 -10.35
C PRO A 112 18.10 2.90 -10.70
N GLY A 113 18.95 3.87 -10.36
CA GLY A 113 18.75 5.23 -10.81
C GLY A 113 18.15 6.12 -9.72
N PHE A 114 17.39 5.49 -8.79
CA PHE A 114 16.62 6.25 -7.81
C PHE A 114 17.57 7.06 -6.94
N ALA A 115 18.63 6.36 -6.48
CA ALA A 115 19.60 6.87 -5.54
C ALA A 115 20.27 8.14 -6.11
N ASN A 116 20.22 8.30 -7.44
CA ASN A 116 21.01 9.33 -8.10
C ASN A 116 20.18 10.61 -8.25
N LEU A 117 18.88 10.52 -7.98
CA LEU A 117 17.97 11.67 -8.01
C LEU A 117 18.35 12.64 -6.90
N ASP A 118 17.93 13.89 -7.05
CA ASP A 118 18.19 14.90 -6.04
C ASP A 118 17.55 14.39 -4.78
N LEU A 119 18.14 14.66 -3.61
CA LEU A 119 17.64 14.28 -2.29
C LEU A 119 16.17 14.68 -2.16
N ASN A 120 15.88 15.93 -2.53
CA ASN A 120 14.59 16.53 -2.34
C ASN A 120 13.59 15.81 -3.24
N ASP A 121 14.06 15.35 -4.40
CA ASP A 121 13.22 14.64 -5.34
C ASP A 121 12.90 13.26 -4.78
N GLN A 122 13.89 12.60 -4.15
CA GLN A 122 13.70 11.23 -3.70
C GLN A 122 12.62 11.29 -2.62
N VAL A 123 12.72 12.34 -1.81
CA VAL A 123 11.80 12.52 -0.70
C VAL A 123 10.41 12.88 -1.23
N THR A 124 10.33 13.71 -2.27
CA THR A 124 9.06 14.10 -2.85
C THR A 124 8.38 12.91 -3.54
N LEU A 125 9.17 12.08 -4.22
CA LEU A 125 8.63 10.90 -4.85
C LEU A 125 8.03 9.98 -3.80
N LEU A 126 8.72 9.84 -2.67
CA LEU A 126 8.27 8.90 -1.68
C LEU A 126 7.07 9.48 -0.94
N LYS A 127 7.09 10.79 -0.71
CA LYS A 127 5.99 11.48 -0.07
C LYS A 127 4.70 11.24 -0.83
N TYR A 128 4.73 11.43 -2.15
CA TYR A 128 3.50 11.37 -2.91
C TYR A 128 3.19 9.96 -3.35
N GLY A 129 4.16 9.06 -3.18
CA GLY A 129 4.12 7.72 -3.77
C GLY A 129 3.69 6.64 -2.79
N VAL A 130 4.06 6.79 -1.51
CA VAL A 130 4.00 5.67 -0.59
C VAL A 130 2.59 5.14 -0.39
N TYR A 131 1.59 6.03 -0.21
CA TYR A 131 0.23 5.59 0.11
C TYR A 131 -0.43 4.85 -1.06
N GLU A 132 -0.17 5.31 -2.29
CA GLU A 132 -0.60 4.61 -3.48
C GLU A 132 -0.02 3.21 -3.49
N ALA A 133 1.28 3.10 -3.17
CA ALA A 133 1.94 1.81 -3.15
C ALA A 133 1.45 0.93 -2.00
N ILE A 134 1.15 1.57 -0.86
CA ILE A 134 0.64 0.86 0.32
C ILE A 134 -0.65 0.12 -0.03
N PHE A 135 -1.55 0.83 -0.72
CA PHE A 135 -2.86 0.28 -1.01
C PHE A 135 -2.75 -0.78 -2.10
N ALA A 136 -1.81 -0.55 -3.03
CA ALA A 136 -1.61 -1.57 -4.04
C ALA A 136 -1.26 -2.90 -3.36
N MET A 137 -0.30 -2.87 -2.43
CA MET A 137 0.25 -4.06 -1.82
C MET A 137 -0.70 -4.64 -0.76
N LEU A 138 -1.55 -3.78 -0.19
CA LEU A 138 -2.52 -4.23 0.79
C LEU A 138 -3.48 -5.28 0.20
N SER A 139 -3.74 -5.19 -1.12
CA SER A 139 -4.67 -6.07 -1.81
C SER A 139 -4.24 -7.51 -1.62
N SER A 140 -2.91 -7.72 -1.46
CA SER A 140 -2.30 -9.04 -1.36
C SER A 140 -2.77 -9.78 -0.12
N VAL A 141 -3.16 -9.02 0.92
CA VAL A 141 -3.50 -9.62 2.20
C VAL A 141 -5.01 -9.56 2.41
N MET A 142 -5.74 -9.04 1.42
CA MET A 142 -7.18 -8.96 1.53
C MET A 142 -7.85 -10.02 0.69
N ASN A 143 -8.90 -10.63 1.22
CA ASN A 143 -9.80 -11.42 0.41
C ASN A 143 -11.19 -10.86 0.62
N LYS A 144 -12.20 -11.48 0.01
CA LYS A 144 -13.59 -11.02 0.11
C LYS A 144 -14.23 -11.14 1.50
N ASP A 145 -13.46 -11.63 2.46
CA ASP A 145 -13.94 -11.79 3.82
C ASP A 145 -13.28 -10.81 4.79
N GLY A 146 -12.01 -10.48 4.54
CA GLY A 146 -11.29 -9.55 5.40
C GLY A 146 -9.80 -9.53 5.03
N MET A 147 -8.97 -9.12 5.98
CA MET A 147 -7.57 -8.95 5.62
C MET A 147 -6.70 -9.46 6.76
N LEU A 148 -5.52 -9.98 6.39
CA LEU A 148 -4.47 -10.32 7.35
C LEU A 148 -3.99 -9.05 8.05
N VAL A 149 -3.73 -9.17 9.34
CA VAL A 149 -3.15 -8.05 10.06
C VAL A 149 -2.01 -8.56 10.92
N ALA A 150 -1.12 -7.61 11.27
CA ALA A 150 0.04 -7.82 12.11
C ALA A 150 0.85 -9.01 11.60
N TYR A 151 1.46 -8.82 10.42
CA TYR A 151 2.36 -9.80 9.84
C TYR A 151 1.66 -11.14 9.60
N GLY A 152 0.32 -11.14 9.52
CA GLY A 152 -0.42 -12.30 9.07
C GLY A 152 -0.78 -13.24 10.21
N ASN A 153 -0.75 -12.69 11.43
CA ASN A 153 -1.08 -13.44 12.64
C ASN A 153 -2.50 -13.14 13.12
N GLY A 154 -3.13 -12.23 12.40
CA GLY A 154 -4.48 -11.84 12.73
C GLY A 154 -5.26 -11.77 11.43
N PHE A 155 -6.58 -11.87 11.56
CA PHE A 155 -7.44 -11.77 10.41
C PHE A 155 -8.70 -11.05 10.88
N ILE A 156 -8.85 -9.82 10.41
CA ILE A 156 -10.01 -9.06 10.81
C ILE A 156 -10.99 -9.13 9.64
N THR A 157 -12.26 -9.43 9.99
CA THR A 157 -13.29 -9.65 8.98
C THR A 157 -13.75 -8.31 8.42
N ARG A 158 -14.12 -8.31 7.14
CA ARG A 158 -14.68 -7.15 6.47
C ARG A 158 -15.97 -6.72 7.20
N GLU A 159 -16.76 -7.71 7.66
CA GLU A 159 -18.03 -7.54 8.35
C GLU A 159 -17.83 -6.64 9.56
N PHE A 160 -16.83 -7.05 10.35
CA PHE A 160 -16.53 -6.41 11.60
C PHE A 160 -16.18 -4.94 11.39
N LEU A 161 -15.34 -4.69 10.38
CA LEU A 161 -14.91 -3.34 10.11
C LEU A 161 -16.12 -2.51 9.70
N LYS A 162 -17.06 -3.18 9.01
CA LYS A 162 -18.20 -2.46 8.45
C LYS A 162 -19.17 -2.07 9.54
N SER A 163 -18.99 -2.68 10.71
CA SER A 163 -19.87 -2.47 11.84
C SER A 163 -19.37 -1.37 12.76
N LEU A 164 -18.12 -0.90 12.54
CA LEU A 164 -17.56 0.16 13.38
C LEU A 164 -18.37 1.44 13.16
N ARG A 165 -18.35 2.34 14.14
CA ARG A 165 -19.16 3.55 14.06
C ARG A 165 -18.60 4.40 12.93
N LYS A 166 -19.46 5.18 12.26
CA LYS A 166 -19.09 6.18 11.29
C LYS A 166 -18.15 7.18 11.97
N PRO A 167 -17.14 7.78 11.29
CA PRO A 167 -16.79 7.44 9.91
C PRO A 167 -15.78 6.31 9.69
N PHE A 168 -15.46 5.57 10.75
CA PHE A 168 -14.46 4.50 10.69
C PHE A 168 -14.85 3.26 9.88
N CYS A 169 -16.15 3.02 9.72
CA CYS A 169 -16.60 1.84 8.99
C CYS A 169 -16.49 2.08 7.49
N ASP A 170 -16.19 3.33 7.12
CA ASP A 170 -16.11 3.77 5.73
C ASP A 170 -14.66 3.94 5.28
N ILE A 171 -13.70 3.63 6.16
CA ILE A 171 -12.29 3.75 5.82
C ILE A 171 -11.87 2.62 4.89
N MET A 172 -12.15 1.38 5.31
CA MET A 172 -11.53 0.22 4.70
C MET A 172 -12.37 -0.30 3.56
N GLU A 173 -13.65 0.10 3.52
CA GLU A 173 -14.57 -0.44 2.53
C GLU A 173 -14.06 -0.13 1.13
N PRO A 174 -13.71 1.15 0.79
CA PRO A 174 -13.20 1.50 -0.54
C PRO A 174 -11.92 0.76 -0.91
N LYS A 175 -11.12 0.41 0.10
CA LYS A 175 -9.87 -0.31 -0.09
C LYS A 175 -10.14 -1.76 -0.48
N PHE A 176 -11.11 -2.40 0.19
CA PHE A 176 -11.55 -3.74 -0.22
C PHE A 176 -12.12 -3.68 -1.63
N ASP A 177 -12.84 -2.61 -1.97
CA ASP A 177 -13.43 -2.46 -3.29
C ASP A 177 -12.31 -2.51 -4.31
N PHE A 178 -11.27 -1.71 -4.06
CA PHE A 178 -10.13 -1.64 -4.96
C PHE A 178 -9.44 -3.00 -5.05
N ALA A 179 -9.23 -3.65 -3.90
CA ALA A 179 -8.50 -4.90 -3.83
C ALA A 179 -9.21 -5.99 -4.64
N MET A 180 -10.54 -6.00 -4.63
CA MET A 180 -11.26 -7.08 -5.30
C MET A 180 -11.07 -6.98 -6.82
N LYS A 181 -11.03 -5.74 -7.35
CA LYS A 181 -10.81 -5.42 -8.76
C LYS A 181 -9.35 -5.65 -9.15
N PHE A 182 -8.43 -5.27 -8.27
CA PHE A 182 -7.02 -5.50 -8.46
C PHE A 182 -6.74 -7.00 -8.50
N ASN A 183 -7.21 -7.70 -7.47
CA ASN A 183 -6.94 -9.12 -7.31
C ASN A 183 -7.49 -9.90 -8.50
N ALA A 184 -8.46 -9.33 -9.22
CA ALA A 184 -9.05 -9.97 -10.41
C ALA A 184 -8.04 -10.03 -11.55
N LEU A 185 -7.11 -9.09 -11.59
CA LEU A 185 -6.03 -9.13 -12.59
C LEU A 185 -5.02 -10.27 -12.34
N GLU A 186 -5.02 -10.84 -11.13
CA GLU A 186 -4.19 -12.01 -10.80
C GLU A 186 -2.70 -11.80 -11.12
N LEU A 187 -2.14 -10.68 -10.66
CA LEU A 187 -0.71 -10.45 -10.78
C LEU A 187 0.04 -11.32 -9.77
N ASP A 188 1.33 -11.53 -10.04
CA ASP A 188 2.22 -12.16 -9.08
C ASP A 188 3.22 -11.11 -8.59
N ASP A 189 4.11 -11.51 -7.68
CA ASP A 189 5.05 -10.59 -7.06
C ASP A 189 5.96 -9.95 -8.11
N SER A 190 6.31 -10.70 -9.16
CA SER A 190 7.21 -10.17 -10.15
C SER A 190 6.56 -8.99 -10.88
N ASP A 191 5.24 -9.08 -11.09
CA ASP A 191 4.46 -8.02 -11.72
C ASP A 191 4.32 -6.84 -10.76
N ILE A 192 3.98 -7.16 -9.50
CA ILE A 192 3.67 -6.16 -8.51
C ILE A 192 4.90 -5.31 -8.23
N SER A 193 6.07 -5.97 -8.11
CA SER A 193 7.32 -5.27 -7.84
C SER A 193 7.57 -4.15 -8.86
N LEU A 194 7.32 -4.42 -10.15
CA LEU A 194 7.54 -3.44 -11.19
C LEU A 194 6.48 -2.34 -11.16
N PHE A 195 5.23 -2.73 -10.91
CA PHE A 195 4.14 -1.78 -10.69
C PHE A 195 4.51 -0.79 -9.60
N VAL A 196 4.91 -1.30 -8.41
CA VAL A 196 5.25 -0.45 -7.29
C VAL A 196 6.42 0.49 -7.62
N ALA A 197 7.43 -0.02 -8.33
CA ALA A 197 8.52 0.82 -8.81
C ALA A 197 7.99 1.98 -9.66
N ALA A 198 7.02 1.67 -10.53
CA ALA A 198 6.49 2.63 -11.49
C ALA A 198 5.64 3.70 -10.79
N ILE A 199 4.94 3.30 -9.71
CA ILE A 199 4.19 4.19 -8.82
C ILE A 199 5.13 5.19 -8.18
N ILE A 200 6.24 4.69 -7.66
CA ILE A 200 7.15 5.56 -6.95
C ILE A 200 7.78 6.58 -7.90
N CYS A 201 8.33 6.06 -9.03
CA CYS A 201 9.09 6.84 -10.00
C CYS A 201 8.14 7.52 -10.98
N CYS A 202 7.43 8.50 -10.45
CA CYS A 202 6.38 9.15 -11.21
C CYS A 202 6.71 10.64 -11.31
N GLY A 203 6.80 11.11 -12.56
CA GLY A 203 7.34 12.39 -12.94
C GLY A 203 6.38 13.55 -12.70
N ASP A 204 5.15 13.26 -12.26
CA ASP A 204 4.15 14.32 -12.21
C ASP A 204 3.73 14.60 -10.76
N ARG A 205 4.47 14.10 -9.76
CA ARG A 205 4.25 14.51 -8.38
C ARG A 205 4.54 16.01 -8.26
N PRO A 206 3.70 16.81 -7.55
CA PRO A 206 3.93 18.25 -7.40
C PRO A 206 5.29 18.57 -6.79
N GLY A 207 5.97 19.60 -7.35
CA GLY A 207 7.18 20.19 -6.78
C GLY A 207 8.46 19.37 -6.96
N LEU A 208 8.59 18.69 -8.10
CA LEU A 208 9.84 18.00 -8.38
C LEU A 208 10.80 18.98 -9.02
N LEU A 209 12.09 18.74 -8.85
CA LEU A 209 13.09 19.58 -9.48
C LEU A 209 13.39 19.06 -10.87
N ASN A 210 13.96 17.86 -10.90
CA ASN A 210 14.41 17.27 -12.14
C ASN A 210 13.29 16.37 -12.69
N VAL A 211 12.16 17.00 -13.05
CA VAL A 211 11.07 16.31 -13.69
C VAL A 211 11.60 15.54 -14.90
N GLY A 212 12.45 16.20 -15.70
CA GLY A 212 13.05 15.60 -16.87
C GLY A 212 13.64 14.22 -16.60
N HIS A 213 14.50 14.12 -15.58
CA HIS A 213 15.24 12.91 -15.25
C HIS A 213 14.32 11.83 -14.68
N ILE A 214 13.33 12.26 -13.87
CA ILE A 214 12.41 11.33 -13.25
C ILE A 214 11.52 10.71 -14.34
N GLU A 215 11.14 11.53 -15.32
CA GLU A 215 10.38 11.04 -16.46
C GLU A 215 11.20 10.02 -17.25
N LYS A 216 12.52 10.24 -17.41
CA LYS A 216 13.38 9.31 -18.13
C LYS A 216 13.45 7.98 -17.40
N MET A 217 13.50 8.06 -16.07
CA MET A 217 13.51 6.88 -15.23
C MET A 217 12.20 6.12 -15.37
N GLN A 218 11.08 6.88 -15.31
CA GLN A 218 9.74 6.33 -15.38
C GLN A 218 9.54 5.63 -16.71
N GLU A 219 9.95 6.30 -17.78
CA GLU A 219 9.98 5.77 -19.13
C GLU A 219 10.59 4.36 -19.13
N GLY A 220 11.77 4.21 -18.52
CA GLY A 220 12.50 2.94 -18.48
C GLY A 220 11.76 1.83 -17.75
N ILE A 221 11.23 2.16 -16.58
CA ILE A 221 10.58 1.17 -15.71
C ILE A 221 9.28 0.70 -16.35
N VAL A 222 8.51 1.67 -16.90
CA VAL A 222 7.19 1.40 -17.46
C VAL A 222 7.37 0.54 -18.71
N HIS A 223 8.48 0.79 -19.42
CA HIS A 223 8.82 -0.02 -20.57
C HIS A 223 8.98 -1.47 -20.14
N VAL A 224 9.79 -1.66 -19.10
CA VAL A 224 10.07 -2.99 -18.58
C VAL A 224 8.80 -3.67 -18.09
N LEU A 225 7.92 -2.88 -17.45
CA LEU A 225 6.68 -3.40 -16.91
C LEU A 225 5.76 -3.94 -18.02
N ARG A 226 5.62 -3.14 -19.08
CA ARG A 226 4.72 -3.52 -20.14
C ARG A 226 5.21 -4.83 -20.78
N LEU A 227 6.52 -4.86 -21.09
CA LEU A 227 7.08 -6.02 -21.74
C LEU A 227 7.04 -7.20 -20.78
N HIS A 228 7.31 -6.96 -19.49
CA HIS A 228 7.25 -8.05 -18.53
C HIS A 228 5.86 -8.66 -18.49
N LEU A 229 4.82 -7.82 -18.47
CA LEU A 229 3.46 -8.34 -18.38
C LEU A 229 3.15 -9.18 -19.61
N GLN A 230 3.63 -8.73 -20.77
CA GLN A 230 3.40 -9.44 -22.02
C GLN A 230 4.09 -10.81 -22.03
N SER A 231 5.27 -10.92 -21.39
CA SER A 231 6.01 -12.17 -21.29
C SER A 231 5.34 -13.10 -20.31
N ASN A 232 4.99 -12.52 -19.15
CA ASN A 232 4.61 -13.29 -17.98
C ASN A 232 3.16 -13.73 -18.12
N HIS A 233 2.37 -12.93 -18.83
CA HIS A 233 0.94 -13.17 -19.01
C HIS A 233 0.56 -12.95 -20.46
N PRO A 234 1.09 -13.75 -21.40
CA PRO A 234 0.76 -13.56 -22.80
C PRO A 234 -0.73 -13.79 -23.04
N ASP A 235 -1.43 -14.33 -22.05
CA ASP A 235 -2.84 -14.70 -22.20
C ASP A 235 -3.74 -13.51 -21.88
N ASP A 236 -3.13 -12.34 -21.65
CA ASP A 236 -3.93 -11.14 -21.45
C ASP A 236 -3.28 -9.96 -22.16
N ILE A 237 -3.69 -9.73 -23.41
CA ILE A 237 -3.36 -8.57 -24.22
C ILE A 237 -3.43 -7.25 -23.43
N PHE A 238 -4.55 -7.00 -22.72
CA PHE A 238 -4.90 -5.67 -22.21
C PHE A 238 -4.43 -5.50 -20.76
N LEU A 239 -3.58 -6.41 -20.28
CA LEU A 239 -3.17 -6.36 -18.89
C LEU A 239 -2.50 -5.01 -18.55
N PHE A 240 -1.60 -4.56 -19.43
CA PHE A 240 -0.86 -3.33 -19.15
C PHE A 240 -1.81 -2.16 -19.05
N PRO A 241 -2.70 -1.92 -20.05
CA PRO A 241 -3.71 -0.86 -19.93
C PRO A 241 -4.64 -0.96 -18.74
N LYS A 242 -5.05 -2.19 -18.38
CA LYS A 242 -5.80 -2.41 -17.16
C LYS A 242 -5.05 -1.86 -15.93
N LEU A 243 -3.73 -2.06 -15.87
CA LEU A 243 -2.91 -1.58 -14.77
C LEU A 243 -2.80 -0.06 -14.77
N LEU A 244 -2.66 0.55 -15.95
CA LEU A 244 -2.68 2.00 -16.01
C LEU A 244 -3.98 2.56 -15.43
N GLN A 245 -5.08 1.85 -15.69
CA GLN A 245 -6.35 2.24 -15.11
C GLN A 245 -6.34 2.09 -13.58
N LYS A 246 -5.65 1.05 -13.09
CA LYS A 246 -5.57 0.84 -11.66
C LYS A 246 -4.78 1.99 -11.04
N MET A 247 -3.79 2.46 -11.78
CA MET A 247 -3.02 3.60 -11.30
C MET A 247 -3.96 4.78 -11.10
N ALA A 248 -4.84 5.02 -12.08
CA ALA A 248 -5.80 6.12 -12.00
C ALA A 248 -6.70 5.93 -10.79
N ASP A 249 -7.16 4.68 -10.58
CA ASP A 249 -8.01 4.30 -9.45
C ASP A 249 -7.34 4.61 -8.11
N LEU A 250 -6.06 4.23 -7.98
CA LEU A 250 -5.30 4.40 -6.74
C LEU A 250 -5.09 5.88 -6.42
N ARG A 251 -4.93 6.73 -7.45
CA ARG A 251 -4.72 8.13 -7.16
C ARG A 251 -6.02 8.69 -6.57
N GLN A 252 -7.15 8.30 -7.13
CA GLN A 252 -8.42 8.72 -6.56
C GLN A 252 -8.62 8.11 -5.16
N LEU A 253 -8.25 6.83 -4.96
CA LEU A 253 -8.40 6.15 -3.68
C LEU A 253 -7.59 6.83 -2.59
N VAL A 254 -6.45 7.38 -2.97
CA VAL A 254 -5.55 8.01 -2.01
C VAL A 254 -6.11 9.37 -1.63
N THR A 255 -6.61 10.13 -2.61
CA THR A 255 -7.18 11.42 -2.34
C THR A 255 -8.33 11.30 -1.33
N GLU A 256 -9.23 10.33 -1.58
CA GLU A 256 -10.38 10.05 -0.74
C GLU A 256 -9.94 9.70 0.68
N HIS A 257 -8.83 8.95 0.77
CA HIS A 257 -8.34 8.49 2.06
C HIS A 257 -7.79 9.67 2.85
N ALA A 258 -7.11 10.59 2.13
CA ALA A 258 -6.46 11.73 2.76
C ALA A 258 -7.51 12.54 3.52
N GLN A 259 -8.66 12.71 2.87
CA GLN A 259 -9.69 13.59 3.37
C GLN A 259 -10.42 12.95 4.54
N LEU A 260 -10.80 11.67 4.39
CA LEU A 260 -11.44 10.92 5.46
C LEU A 260 -10.49 10.92 6.66
N VAL A 261 -9.18 10.85 6.42
CA VAL A 261 -8.24 11.02 7.51
C VAL A 261 -8.37 12.41 8.11
N GLN A 262 -8.54 13.42 7.24
CA GLN A 262 -8.62 14.83 7.67
C GLN A 262 -9.81 15.06 8.59
N ILE A 263 -10.98 14.55 8.18
CA ILE A 263 -12.20 14.52 8.96
C ILE A 263 -11.94 14.00 10.38
N ILE A 264 -11.35 12.79 10.45
CA ILE A 264 -11.17 12.04 11.69
C ILE A 264 -10.22 12.80 12.62
N LYS A 265 -9.29 13.59 12.07
CA LYS A 265 -8.36 14.36 12.86
C LYS A 265 -9.10 15.50 13.55
N LYS A 266 -10.07 16.06 12.83
CA LYS A 266 -10.84 17.19 13.33
C LYS A 266 -11.88 16.72 14.35
N THR A 267 -12.63 15.67 13.97
CA THR A 267 -13.79 15.14 14.69
C THR A 267 -13.54 14.35 15.97
N GLU A 268 -12.37 13.72 15.94
CA GLU A 268 -11.90 12.86 16.99
C GLU A 268 -10.51 13.28 17.37
N SER A 269 -10.38 13.53 18.66
CA SER A 269 -9.16 14.00 19.31
C SER A 269 -8.81 12.96 20.37
N ASP A 270 -9.70 12.01 20.61
CA ASP A 270 -9.41 10.95 21.58
C ASP A 270 -8.17 10.28 21.05
N ALA A 271 -7.94 10.44 19.74
CA ALA A 271 -6.75 9.88 19.13
C ALA A 271 -5.81 10.97 18.57
N ALA A 272 -4.71 10.50 17.97
CA ALA A 272 -3.70 11.37 17.37
C ALA A 272 -3.01 10.53 16.31
N LEU A 273 -2.75 11.18 15.19
CA LEU A 273 -2.10 10.59 14.03
C LEU A 273 -0.60 10.55 14.26
N HIS A 274 0.06 9.48 13.80
CA HIS A 274 1.51 9.40 13.90
C HIS A 274 2.24 10.60 13.28
N PRO A 275 3.30 11.13 13.93
CA PRO A 275 3.97 12.33 13.43
C PRO A 275 4.41 12.21 11.98
N LEU A 276 4.93 11.03 11.60
CA LEU A 276 5.50 10.85 10.28
C LEU A 276 4.37 10.88 9.24
N LEU A 277 3.24 10.28 9.60
CA LEU A 277 2.08 10.28 8.73
C LEU A 277 1.47 11.68 8.64
N GLN A 278 1.64 12.49 9.70
CA GLN A 278 1.15 13.84 9.73
C GLN A 278 1.87 14.66 8.65
N GLU A 279 3.18 14.43 8.51
CA GLU A 279 3.98 15.12 7.52
C GLU A 279 3.68 14.64 6.10
N ILE A 280 3.35 13.35 5.94
CA ILE A 280 3.05 12.86 4.62
C ILE A 280 1.69 13.39 4.17
N TYR A 281 0.69 13.31 5.06
CA TYR A 281 -0.67 13.74 4.73
C TYR A 281 -0.74 15.24 4.48
N ARG A 282 0.22 16.00 5.03
CA ARG A 282 0.16 17.46 5.03
C ARG A 282 -0.04 17.99 3.62
N ASP A 283 -1.04 18.89 3.52
CA ASP A 283 -1.56 19.59 2.35
C ASP A 283 -1.28 18.90 1.01
N MET A 284 -1.22 17.59 0.99
CA MET A 284 -1.04 16.95 -0.30
C MET A 284 -2.39 16.99 -1.04
N TYR A 285 -3.23 16.01 -0.73
CA TYR A 285 -4.52 15.97 -1.41
C TYR A 285 -5.61 16.01 -0.36
#